data_2PYZ
#
_entry.id   2PYZ
#
_cell.length_a   68.299
_cell.length_b   68.299
_cell.length_c   108.379
_cell.angle_alpha   90.00
_cell.angle_beta   90.00
_cell.angle_gamma   90.00
#
_symmetry.space_group_name_H-M   'P 43 21 2'
#
loop_
_entity.id
_entity.type
_entity.pdbx_description
1 polymer 'Proteinase K'
2 non-polymer 'CALCIUM ION'
3 non-polymer 'NITRATE ION'
4 non-polymer "4,4'-(AMINOMETHYLENE)BIS(N,N-DIMETHYLANILINE)"
5 water water
#
_entity_poly.entity_id   1
_entity_poly.type   'polypeptide(L)'
_entity_poly.pdbx_seq_one_letter_code
;AAQTNAPWGLARISSTSPGTSTYYYDESAGQGSCVYVIDTGIEASHPEFEGRAQMVKTYYYSSRDGNGHGTHCAGTVGSR
TYGVAKKTQLFGVKVLDDNGSGQYSTIIAGMDFVASDKNNRNCPKGVVASLSLGGGYSSSVNSAAARLQSSGVMVAVAAG
NNNADARNYSPASEPSVCTVGASDRYDRRSSFSNYGSVLDIFGPGTDILSTWIGGSTRSISGTSMATPHVAGLAAYLMTL
GKTTAASACRYIADTANKGDLSNIPFGTVNLLAYNNYQA
;
_entity_poly.pdbx_strand_id   A
#
loop_
_chem_comp.id
_chem_comp.type
_chem_comp.name
_chem_comp.formula
AU4 non-polymer 4,4'-(AMINOMETHYLENE)BIS(N,N-DIMETHYLANILINE) 'C17 H23 N3'
CA non-polymer 'CALCIUM ION' 'Ca 2'
NO3 non-polymer 'NITRATE ION' 'N O3 -1'
#
# COMPACT_ATOMS: atom_id res chain seq x y z
N ALA A 1 -14.03 -9.94 -13.93
CA ALA A 1 -14.35 -10.68 -12.67
C ALA A 1 -15.06 -9.75 -11.71
N ALA A 2 -15.82 -10.33 -10.79
CA ALA A 2 -16.50 -9.53 -9.79
C ALA A 2 -16.55 -10.29 -8.48
N GLN A 3 -16.20 -9.60 -7.41
CA GLN A 3 -16.31 -10.15 -6.07
C GLN A 3 -17.50 -9.49 -5.39
N THR A 4 -18.54 -10.26 -5.10
CA THR A 4 -19.72 -9.71 -4.44
C THR A 4 -19.48 -9.59 -2.93
N ASN A 5 -20.22 -8.68 -2.29
CA ASN A 5 -20.08 -8.36 -0.87
C ASN A 5 -18.59 -8.19 -0.47
N ALA A 6 -17.86 -7.41 -1.27
CA ALA A 6 -16.44 -7.13 -1.03
C ALA A 6 -16.29 -6.15 0.13
N PRO A 7 -15.12 -6.16 0.80
CA PRO A 7 -14.87 -5.03 1.72
C PRO A 7 -15.06 -3.68 0.99
N TRP A 8 -15.58 -2.67 1.69
CA TRP A 8 -15.96 -1.42 1.03
C TRP A 8 -14.82 -0.79 0.22
N GLY A 9 -13.58 -0.91 0.71
CA GLY A 9 -12.41 -0.31 0.04
C GLY A 9 -12.18 -0.85 -1.36
N LEU A 10 -12.30 -2.16 -1.52
CA LEU A 10 -12.17 -2.82 -2.82
C LEU A 10 -13.28 -2.36 -3.76
N ALA A 11 -14.51 -2.37 -3.28
CA ALA A 11 -15.62 -1.84 -4.07
C ALA A 11 -15.34 -0.39 -4.52
N ARG A 12 -14.79 0.42 -3.61
CA ARG A 12 -14.64 1.85 -3.88
C ARG A 12 -13.64 2.09 -5.01
N ILE A 13 -12.55 1.31 -5.02
CA ILE A 13 -11.49 1.48 -6.03
C ILE A 13 -11.91 1.01 -7.43
N SER A 14 -13.04 0.31 -7.52
CA SER A 14 -13.60 -0.10 -8.82
C SER A 14 -14.94 0.59 -9.16
N SER A 15 -15.22 1.72 -8.51
CA SER A 15 -16.46 2.47 -8.76
C SER A 15 -16.19 3.97 -8.88
N THR A 16 -17.04 4.66 -9.65
CA THR A 16 -16.98 6.11 -9.72
C THR A 16 -17.77 6.77 -8.58
N SER A 17 -18.53 5.96 -7.83
N SER A 17 -18.54 5.97 -7.83
CA SER A 17 -19.38 6.45 -6.74
CA SER A 17 -19.37 6.48 -6.74
C SER A 17 -19.17 5.64 -5.45
C SER A 17 -19.24 5.63 -5.46
N PRO A 18 -19.38 6.27 -4.27
CA PRO A 18 -19.37 5.52 -3.01
C PRO A 18 -20.65 4.69 -2.85
N GLY A 19 -20.66 3.75 -1.91
CA GLY A 19 -21.88 3.01 -1.56
C GLY A 19 -22.11 1.67 -2.23
N THR A 20 -21.22 1.27 -3.14
CA THR A 20 -21.34 -0.02 -3.84
C THR A 20 -20.66 -1.12 -3.05
N SER A 21 -20.99 -2.37 -3.36
CA SER A 21 -20.49 -3.48 -2.57
C SER A 21 -19.80 -4.54 -3.40
N THR A 22 -19.66 -4.30 -4.71
CA THR A 22 -19.03 -5.25 -5.60
C THR A 22 -17.67 -4.73 -6.09
N TYR A 23 -16.67 -5.60 -6.00
CA TYR A 23 -15.35 -5.29 -6.53
C TYR A 23 -15.20 -5.87 -7.92
N TYR A 24 -15.13 -5.00 -8.94
CA TYR A 24 -14.96 -5.45 -10.32
C TYR A 24 -13.48 -5.32 -10.69
N TYR A 25 -12.91 -6.39 -11.25
CA TYR A 25 -11.48 -6.41 -11.60
C TYR A 25 -11.19 -7.38 -12.75
N ASP A 26 -10.13 -7.09 -13.49
CA ASP A 26 -9.66 -8.04 -14.50
C ASP A 26 -9.07 -9.30 -13.87
N GLU A 27 -9.45 -10.45 -14.45
CA GLU A 27 -9.01 -11.78 -13.98
C GLU A 27 -7.51 -11.97 -13.84
N SER A 28 -6.71 -11.23 -14.62
CA SER A 28 -5.23 -11.28 -14.51
C SER A 28 -4.73 -11.03 -13.08
N ALA A 29 -5.40 -10.10 -12.39
CA ALA A 29 -5.27 -9.92 -10.95
C ALA A 29 -3.85 -9.76 -10.43
N GLY A 30 -3.00 -9.09 -11.21
CA GLY A 30 -1.63 -8.85 -10.74
C GLY A 30 -0.67 -10.03 -10.84
N GLN A 31 -1.11 -11.10 -11.52
CA GLN A 31 -0.25 -12.26 -11.74
C GLN A 31 1.03 -11.84 -12.49
N GLY A 32 2.18 -12.32 -12.05
CA GLY A 32 3.45 -11.95 -12.70
C GLY A 32 4.13 -10.72 -12.11
N SER A 33 3.41 -9.98 -11.26
CA SER A 33 3.97 -8.85 -10.50
C SER A 33 4.40 -9.32 -9.10
N CYS A 34 5.22 -8.50 -8.44
CA CYS A 34 5.68 -8.82 -7.09
C CYS A 34 5.57 -7.60 -6.21
N VAL A 35 5.07 -7.78 -4.99
CA VAL A 35 4.99 -6.64 -4.08
C VAL A 35 5.74 -6.98 -2.79
N TYR A 36 6.69 -6.11 -2.43
CA TYR A 36 7.39 -6.24 -1.15
C TYR A 36 6.61 -5.45 -0.12
N VAL A 37 6.29 -6.08 1.00
CA VAL A 37 5.62 -5.39 2.11
C VAL A 37 6.66 -5.23 3.20
N ILE A 38 7.04 -3.99 3.46
CA ILE A 38 8.14 -3.68 4.36
C ILE A 38 7.50 -3.21 5.66
N ASP A 39 7.51 -4.07 6.67
CA ASP A 39 6.59 -3.89 7.80
C ASP A 39 6.99 -4.82 8.95
N THR A 40 6.02 -5.31 9.74
CA THR A 40 6.31 -6.17 10.91
C THR A 40 6.45 -7.66 10.53
N GLY A 41 6.40 -7.93 9.23
CA GLY A 41 6.42 -9.29 8.67
C GLY A 41 5.08 -9.70 8.10
N ILE A 42 4.97 -10.95 7.66
CA ILE A 42 3.73 -11.48 7.10
C ILE A 42 3.56 -12.91 7.62
N GLU A 43 2.38 -13.21 8.13
CA GLU A 43 2.03 -14.58 8.46
C GLU A 43 1.78 -15.33 7.15
N ALA A 44 2.85 -15.88 6.58
CA ALA A 44 2.79 -16.46 5.23
C ALA A 44 1.89 -17.68 5.13
N SER A 45 1.67 -18.34 6.26
CA SER A 45 0.87 -19.57 6.31
C SER A 45 -0.64 -19.30 6.32
N HIS A 46 -1.06 -18.04 6.44
CA HIS A 46 -2.48 -17.69 6.39
C HIS A 46 -3.10 -18.24 5.10
N PRO A 47 -4.19 -19.03 5.22
CA PRO A 47 -4.89 -19.64 4.07
C PRO A 47 -5.21 -18.58 2.99
N GLU A 48 -5.44 -17.35 3.41
CA GLU A 48 -5.79 -16.26 2.49
C GLU A 48 -4.71 -15.88 1.48
N PHE A 49 -3.45 -16.26 1.74
CA PHE A 49 -2.37 -15.93 0.79
C PHE A 49 -2.13 -17.06 -0.20
N GLU A 50 -2.75 -18.22 0.06
CA GLU A 50 -2.76 -19.34 -0.92
C GLU A 50 -1.34 -19.77 -1.34
N GLY A 51 -0.37 -19.62 -0.43
CA GLY A 51 1.02 -19.95 -0.73
C GLY A 51 1.76 -18.93 -1.57
N ARG A 52 1.14 -17.76 -1.81
CA ARG A 52 1.76 -16.70 -2.63
C ARG A 52 2.61 -15.70 -1.84
N ALA A 53 2.73 -15.93 -0.53
CA ALA A 53 3.49 -15.04 0.35
C ALA A 53 4.70 -15.75 0.88
N GLN A 54 5.81 -15.03 1.03
CA GLN A 54 6.94 -15.59 1.74
C GLN A 54 7.79 -14.51 2.36
N MET A 55 8.37 -14.82 3.51
CA MET A 55 9.30 -13.91 4.18
C MET A 55 10.64 -14.09 3.51
N VAL A 56 11.28 -12.97 3.18
CA VAL A 56 12.59 -12.98 2.54
C VAL A 56 13.71 -12.39 3.38
N LYS A 57 13.37 -11.57 4.39
CA LYS A 57 14.38 -10.90 5.22
C LYS A 57 13.80 -10.47 6.55
N THR A 58 14.55 -10.66 7.63
CA THR A 58 14.17 -10.06 8.90
C THR A 58 15.38 -9.37 9.53
N TYR A 59 15.12 -8.30 10.27
CA TYR A 59 16.15 -7.58 10.98
C TYR A 59 16.08 -7.86 12.48
N TYR A 60 15.26 -8.84 12.85
CA TYR A 60 15.11 -9.23 14.26
C TYR A 60 15.36 -10.74 14.46
N TYR A 61 15.08 -11.22 15.66
CA TYR A 61 15.38 -12.61 16.03
C TYR A 61 14.63 -13.64 15.21
N SER A 62 13.42 -13.27 14.80
CA SER A 62 12.54 -14.15 14.04
C SER A 62 11.98 -13.41 12.82
N SER A 63 11.51 -14.18 11.85
CA SER A 63 10.82 -13.57 10.71
C SER A 63 9.29 -13.53 10.90
N ARG A 64 8.83 -14.00 12.05
CA ARG A 64 7.41 -14.09 12.35
C ARG A 64 6.81 -12.70 12.56
N ASP A 65 5.61 -12.49 12.03
CA ASP A 65 4.85 -11.30 12.39
C ASP A 65 4.16 -11.58 13.74
N GLY A 66 4.72 -11.04 14.81
CA GLY A 66 4.10 -11.15 16.14
C GLY A 66 3.19 -9.98 16.47
N ASN A 67 2.94 -9.11 15.49
CA ASN A 67 2.14 -7.90 15.71
C ASN A 67 0.77 -7.96 15.01
N GLY A 68 0.80 -8.18 13.69
CA GLY A 68 -0.42 -8.24 12.89
C GLY A 68 -0.47 -7.20 11.79
N HIS A 69 0.16 -6.04 12.01
CA HIS A 69 0.10 -4.88 11.10
C HIS A 69 0.58 -5.28 9.68
N GLY A 70 1.71 -5.97 9.61
CA GLY A 70 2.29 -6.36 8.31
C GLY A 70 1.38 -7.35 7.59
N THR A 71 0.81 -8.30 8.35
CA THR A 71 -0.09 -9.28 7.76
C THR A 71 -1.36 -8.59 7.22
N HIS A 72 -1.85 -7.56 7.95
CA HIS A 72 -3.03 -6.80 7.53
C HIS A 72 -2.77 -6.09 6.21
N CYS A 73 -1.67 -5.35 6.16
CA CYS A 73 -1.26 -4.62 4.96
C CYS A 73 -1.10 -5.56 3.78
N ALA A 74 -0.35 -6.66 3.98
CA ALA A 74 -0.19 -7.67 2.93
C ALA A 74 -1.52 -8.20 2.43
N GLY A 75 -2.46 -8.43 3.35
CA GLY A 75 -3.80 -8.89 2.98
C GLY A 75 -4.53 -7.92 2.02
N THR A 76 -4.37 -6.62 2.25
CA THR A 76 -5.01 -5.64 1.39
C THR A 76 -4.34 -5.58 -0.01
N VAL A 77 -3.04 -5.80 -0.06
CA VAL A 77 -2.35 -5.92 -1.36
C VAL A 77 -2.88 -7.12 -2.16
N GLY A 78 -2.86 -8.30 -1.53
CA GLY A 78 -2.91 -9.52 -2.32
C GLY A 78 -3.54 -10.78 -1.74
N SER A 79 -4.31 -10.67 -0.66
CA SER A 79 -5.03 -11.87 -0.19
C SER A 79 -6.22 -12.14 -1.13
N ARG A 80 -6.69 -13.39 -1.13
CA ARG A 80 -7.80 -13.81 -1.98
C ARG A 80 -9.04 -12.96 -1.72
N THR A 81 -9.48 -12.90 -0.48
CA THR A 81 -10.73 -12.21 -0.16
C THR A 81 -10.60 -10.69 0.00
N TYR A 82 -9.50 -10.24 0.59
CA TYR A 82 -9.37 -8.83 1.03
C TYR A 82 -8.40 -8.03 0.18
N GLY A 83 -7.90 -8.63 -0.89
CA GLY A 83 -6.77 -8.08 -1.66
C GLY A 83 -7.18 -7.40 -2.94
N VAL A 84 -6.41 -6.38 -3.32
CA VAL A 84 -6.63 -5.68 -4.59
C VAL A 84 -6.11 -6.55 -5.74
N ALA A 85 -4.89 -7.06 -5.61
CA ALA A 85 -4.24 -7.80 -6.68
C ALA A 85 -4.17 -9.26 -6.24
N LYS A 86 -5.19 -10.02 -6.62
CA LYS A 86 -5.43 -11.31 -5.94
C LYS A 86 -4.49 -12.45 -6.36
N LYS A 87 -3.66 -12.23 -7.38
CA LYS A 87 -2.71 -13.25 -7.82
C LYS A 87 -1.26 -12.77 -7.80
N THR A 88 -1.01 -11.64 -7.14
CA THR A 88 0.35 -11.13 -7.07
C THR A 88 1.16 -12.02 -6.13
N GLN A 89 2.48 -11.96 -6.22
CA GLN A 89 3.21 -12.50 -5.11
C GLN A 89 3.81 -11.53 -4.16
N LEU A 90 3.77 -11.97 -2.90
CA LEU A 90 4.11 -11.13 -1.78
C LEU A 90 5.42 -11.56 -1.17
N PHE A 91 6.27 -10.57 -0.89
CA PHE A 91 7.49 -10.80 -0.15
C PHE A 91 7.50 -9.94 1.09
N GLY A 92 7.74 -10.57 2.23
CA GLY A 92 7.78 -9.84 3.51
C GLY A 92 9.20 -9.43 3.90
N VAL A 93 9.35 -8.19 4.33
CA VAL A 93 10.63 -7.73 4.88
C VAL A 93 10.34 -7.15 6.26
N LYS A 94 10.89 -7.78 7.31
CA LYS A 94 10.54 -7.36 8.67
C LYS A 94 11.54 -6.32 9.20
N VAL A 95 11.19 -5.04 9.05
CA VAL A 95 12.02 -3.95 9.56
C VAL A 95 11.45 -3.37 10.85
N LEU A 96 10.21 -3.76 11.18
CA LEU A 96 9.55 -3.30 12.40
C LEU A 96 9.43 -4.45 13.38
N ASP A 97 9.66 -4.14 14.66
CA ASP A 97 9.54 -5.16 15.69
C ASP A 97 8.07 -5.52 16.00
N ASP A 98 7.85 -6.44 16.93
CA ASP A 98 6.49 -6.91 17.20
C ASP A 98 5.63 -5.89 17.95
N ASN A 99 6.24 -4.77 18.34
CA ASN A 99 5.53 -3.62 18.89
C ASN A 99 5.21 -2.58 17.83
N GLY A 100 5.62 -2.86 16.59
CA GLY A 100 5.38 -1.94 15.47
C GLY A 100 6.37 -0.80 15.36
N SER A 101 7.46 -0.88 16.11
N SER A 101 7.48 -0.89 16.08
CA SER A 101 8.50 0.16 16.09
CA SER A 101 8.49 0.15 16.05
C SER A 101 9.79 -0.32 15.42
C SER A 101 9.80 -0.31 15.42
N GLY A 102 10.61 0.63 14.99
CA GLY A 102 11.86 0.31 14.32
C GLY A 102 12.70 1.55 14.17
N GLN A 103 14.02 1.36 14.17
CA GLN A 103 14.96 2.45 14.03
C GLN A 103 15.08 2.79 12.56
N TYR A 104 15.34 4.07 12.30
CA TYR A 104 15.55 4.55 10.95
C TYR A 104 16.67 3.81 10.19
N SER A 105 17.75 3.46 10.88
CA SER A 105 18.84 2.74 10.23
C SER A 105 18.35 1.38 9.69
N THR A 106 17.47 0.72 10.44
CA THR A 106 16.94 -0.59 10.04
C THR A 106 15.99 -0.46 8.83
N ILE A 107 15.13 0.54 8.89
CA ILE A 107 14.19 0.83 7.81
C ILE A 107 14.94 1.14 6.50
N ILE A 108 15.97 1.98 6.57
CA ILE A 108 16.83 2.26 5.44
C ILE A 108 17.45 0.97 4.88
N ALA A 109 17.99 0.13 5.77
CA ALA A 109 18.60 -1.13 5.32
C ALA A 109 17.59 -1.99 4.57
N GLY A 110 16.36 -2.03 5.08
CA GLY A 110 15.29 -2.81 4.44
C GLY A 110 14.98 -2.28 3.04
N MET A 111 15.00 -0.97 2.87
CA MET A 111 14.77 -0.41 1.53
C MET A 111 15.91 -0.75 0.53
N ASP A 112 17.17 -0.54 0.94
CA ASP A 112 18.33 -0.95 0.12
C ASP A 112 18.30 -2.45 -0.20
N PHE A 113 17.87 -3.25 0.79
CA PHE A 113 17.76 -4.71 0.59
C PHE A 113 16.83 -5.04 -0.58
N VAL A 114 15.64 -4.44 -0.59
CA VAL A 114 14.65 -4.69 -1.65
C VAL A 114 15.20 -4.28 -3.03
N ALA A 115 15.90 -3.13 -3.09
CA ALA A 115 16.43 -2.65 -4.37
C ALA A 115 17.37 -3.69 -5.00
N SER A 116 18.11 -4.40 -4.15
CA SER A 116 19.01 -5.45 -4.58
C SER A 116 18.29 -6.78 -4.79
N ASP A 117 17.47 -7.17 -3.81
CA ASP A 117 16.83 -8.47 -3.83
C ASP A 117 15.97 -8.74 -5.06
N LYS A 118 15.37 -7.68 -5.61
CA LYS A 118 14.42 -7.81 -6.71
C LYS A 118 15.11 -8.37 -7.98
N ASN A 119 16.43 -8.15 -8.04
CA ASN A 119 17.26 -8.70 -9.11
C ASN A 119 17.40 -10.24 -9.02
N ASN A 120 17.01 -10.84 -7.90
CA ASN A 120 17.08 -12.30 -7.75
C ASN A 120 15.71 -13.00 -7.88
N ARG A 121 14.69 -12.22 -8.23
CA ARG A 121 13.32 -12.73 -8.26
C ARG A 121 12.78 -12.67 -9.68
N ASN A 122 11.88 -13.60 -10.00
CA ASN A 122 11.18 -13.59 -11.27
C ASN A 122 9.86 -12.83 -11.16
N CYS A 123 9.89 -11.55 -11.53
CA CYS A 123 8.73 -10.66 -11.45
C CYS A 123 8.57 -10.00 -12.83
N PRO A 124 8.14 -10.78 -13.84
CA PRO A 124 8.11 -10.28 -15.21
C PRO A 124 7.30 -8.99 -15.44
N LYS A 125 6.28 -8.77 -14.63
CA LYS A 125 5.39 -7.63 -14.83
C LYS A 125 5.76 -6.42 -13.97
N GLY A 126 6.75 -6.58 -13.09
CA GLY A 126 7.28 -5.44 -12.34
C GLY A 126 7.21 -5.62 -10.83
N VAL A 127 7.81 -4.65 -10.11
CA VAL A 127 8.01 -4.77 -8.67
C VAL A 127 7.45 -3.52 -7.98
N VAL A 128 6.76 -3.73 -6.86
CA VAL A 128 6.17 -2.65 -6.07
C VAL A 128 6.69 -2.84 -4.63
N ALA A 129 6.86 -1.75 -3.88
CA ALA A 129 7.14 -1.85 -2.46
C ALA A 129 6.09 -1.00 -1.72
N SER A 130 5.53 -1.56 -0.66
CA SER A 130 4.49 -0.89 0.12
C SER A 130 5.07 -0.60 1.50
N LEU A 131 5.14 0.68 1.85
CA LEU A 131 5.72 1.11 3.13
C LEU A 131 4.67 1.83 3.98
N SER A 132 3.98 1.06 4.82
CA SER A 132 3.00 1.62 5.75
C SER A 132 3.67 1.97 7.09
N LEU A 133 4.56 2.96 7.05
CA LEU A 133 5.30 3.35 8.23
C LEU A 133 5.82 4.76 8.02
N GLY A 134 6.35 5.33 9.07
CA GLY A 134 6.90 6.67 8.94
C GLY A 134 7.20 7.24 10.30
N GLY A 135 7.83 8.40 10.29
CA GLY A 135 8.18 9.08 11.52
C GLY A 135 8.53 10.50 11.15
N GLY A 136 9.24 11.18 12.05
CA GLY A 136 9.58 12.60 11.82
C GLY A 136 10.53 12.73 10.65
N TYR A 137 10.61 13.93 10.09
CA TYR A 137 11.44 14.16 8.91
C TYR A 137 12.87 13.64 9.07
N SER A 138 13.35 12.96 8.04
CA SER A 138 14.74 12.49 7.96
C SER A 138 15.19 12.50 6.51
N SER A 139 16.20 13.31 6.21
CA SER A 139 16.68 13.34 4.83
C SER A 139 17.25 11.98 4.37
N SER A 140 17.82 11.21 5.31
N SER A 140 17.83 11.24 5.32
CA SER A 140 18.42 9.92 4.96
CA SER A 140 18.41 9.93 5.03
C SER A 140 17.35 8.86 4.71
C SER A 140 17.31 8.95 4.64
N VAL A 141 16.20 8.98 5.38
CA VAL A 141 15.07 8.08 5.11
C VAL A 141 14.47 8.43 3.76
N ASN A 142 14.31 9.72 3.48
CA ASN A 142 13.80 10.16 2.17
C ASN A 142 14.72 9.68 1.05
N SER A 143 16.03 9.75 1.28
N SER A 143 16.03 9.76 1.29
CA SER A 143 17.02 9.37 0.27
CA SER A 143 17.02 9.38 0.29
C SER A 143 16.96 7.89 -0.05
C SER A 143 16.91 7.90 -0.05
N ALA A 144 16.71 7.08 0.98
CA ALA A 144 16.57 5.62 0.81
C ALA A 144 15.32 5.32 -0.02
N ALA A 145 14.23 6.03 0.23
CA ALA A 145 13.00 5.83 -0.56
C ALA A 145 13.21 6.23 -2.02
N ALA A 146 13.92 7.34 -2.22
CA ALA A 146 14.24 7.85 -3.55
C ALA A 146 15.09 6.85 -4.33
N ARG A 147 16.05 6.23 -3.64
CA ARG A 147 16.91 5.20 -4.24
C ARG A 147 16.11 3.99 -4.67
N LEU A 148 15.23 3.52 -3.78
CA LEU A 148 14.39 2.35 -4.09
C LEU A 148 13.56 2.62 -5.35
N GLN A 149 12.95 3.80 -5.41
CA GLN A 149 12.15 4.21 -6.57
C GLN A 149 13.02 4.25 -7.86
N SER A 150 14.18 4.90 -7.73
CA SER A 150 15.18 5.00 -8.80
C SER A 150 15.62 3.64 -9.38
N SER A 151 15.74 2.66 -8.50
CA SER A 151 16.20 1.31 -8.86
C SER A 151 15.20 0.54 -9.73
N GLY A 152 13.98 1.07 -9.86
CA GLY A 152 12.96 0.47 -10.72
C GLY A 152 11.77 -0.15 -9.99
N VAL A 153 11.53 0.30 -8.77
CA VAL A 153 10.47 -0.27 -7.92
C VAL A 153 9.42 0.81 -7.72
N MET A 154 8.15 0.45 -7.85
CA MET A 154 7.10 1.41 -7.56
C MET A 154 6.92 1.50 -6.04
N VAL A 155 7.33 2.65 -5.48
CA VAL A 155 7.31 2.85 -4.03
C VAL A 155 6.06 3.59 -3.60
N ALA A 156 5.22 2.94 -2.78
CA ALA A 156 4.03 3.58 -2.19
C ALA A 156 4.24 3.73 -0.67
N VAL A 157 4.04 4.95 -0.14
CA VAL A 157 4.27 5.21 1.28
C VAL A 157 3.07 5.88 1.95
N ALA A 158 2.87 5.58 3.23
CA ALA A 158 1.74 6.22 3.96
C ALA A 158 2.00 7.70 4.21
N ALA A 159 0.97 8.53 4.07
CA ALA A 159 1.12 9.97 4.40
C ALA A 159 1.35 10.23 5.91
N GLY A 160 0.84 9.34 6.77
CA GLY A 160 0.94 9.51 8.22
C GLY A 160 -0.41 9.86 8.83
N ASN A 161 -0.52 9.63 10.14
CA ASN A 161 -1.82 9.70 10.81
C ASN A 161 -1.93 10.83 11.83
N ASN A 162 -1.30 11.97 11.54
CA ASN A 162 -1.23 13.10 12.51
C ASN A 162 -2.17 14.28 12.19
N ASN A 163 -3.07 14.10 11.22
CA ASN A 163 -3.92 15.21 10.75
C ASN A 163 -3.09 16.51 10.60
N ALA A 164 -1.96 16.39 9.90
CA ALA A 164 -1.00 17.47 9.74
C ALA A 164 -0.41 17.47 8.31
N ASP A 165 0.39 18.48 8.01
CA ASP A 165 1.08 18.53 6.72
C ASP A 165 2.17 17.45 6.68
N ALA A 166 2.06 16.58 5.68
CA ALA A 166 2.98 15.43 5.53
C ALA A 166 4.44 15.83 5.23
N ARG A 167 4.67 17.13 4.99
CA ARG A 167 6.00 17.66 4.68
C ARG A 167 6.97 17.43 5.84
N ASN A 168 6.43 17.23 7.04
CA ASN A 168 7.29 17.09 8.21
C ASN A 168 7.49 15.62 8.62
N TYR A 169 7.12 14.72 7.73
CA TYR A 169 7.21 13.28 7.99
C TYR A 169 7.93 12.54 6.89
N SER A 170 8.62 11.47 7.26
CA SER A 170 9.36 10.64 6.30
C SER A 170 9.02 9.14 6.44
N PRO A 171 9.03 8.41 5.30
CA PRO A 171 9.38 8.89 3.96
C PRO A 171 8.25 9.59 3.19
N ALA A 172 7.12 9.88 3.85
CA ALA A 172 5.97 10.57 3.19
C ALA A 172 6.40 11.80 2.42
N SER A 173 7.33 12.59 2.97
CA SER A 173 7.75 13.85 2.37
C SER A 173 8.69 13.75 1.16
N GLU A 174 9.12 12.55 0.80
CA GLU A 174 9.99 12.38 -0.38
C GLU A 174 9.16 12.55 -1.67
N PRO A 175 9.43 13.60 -2.47
CA PRO A 175 8.53 13.83 -3.60
C PRO A 175 8.50 12.70 -4.64
N SER A 176 9.60 11.98 -4.85
CA SER A 176 9.70 11.02 -5.97
C SER A 176 8.91 9.70 -5.80
N VAL A 177 8.39 9.44 -4.60
CA VAL A 177 7.62 8.21 -4.33
C VAL A 177 6.12 8.56 -4.37
N CYS A 178 5.25 7.60 -4.09
CA CYS A 178 3.80 7.83 -4.19
C CYS A 178 3.25 7.89 -2.78
N THR A 179 2.89 9.10 -2.33
CA THR A 179 2.47 9.35 -0.96
C THR A 179 0.94 9.31 -0.91
N VAL A 180 0.44 8.47 -0.01
CA VAL A 180 -0.97 8.06 -0.02
C VAL A 180 -1.72 8.53 1.23
N GLY A 181 -2.75 9.34 1.04
CA GLY A 181 -3.67 9.72 2.13
C GLY A 181 -4.82 8.75 2.27
N ALA A 182 -5.62 8.92 3.31
CA ALA A 182 -6.70 7.97 3.61
C ALA A 182 -8.07 8.64 3.50
N SER A 183 -9.04 7.87 2.99
CA SER A 183 -10.45 8.28 2.98
C SER A 183 -11.36 7.27 3.70
N ASP A 184 -12.59 7.67 4.00
CA ASP A 184 -13.55 6.76 4.62
C ASP A 184 -14.67 6.41 3.64
N ARG A 185 -15.63 5.59 4.09
CA ARG A 185 -16.59 5.03 3.16
C ARG A 185 -17.62 6.02 2.63
N TYR A 186 -17.64 7.20 3.24
CA TYR A 186 -18.50 8.32 2.82
C TYR A 186 -17.75 9.33 1.96
N ASP A 187 -16.56 8.95 1.48
CA ASP A 187 -15.74 9.85 0.66
C ASP A 187 -15.30 11.14 1.38
N ARG A 188 -15.06 11.06 2.69
CA ARG A 188 -14.40 12.16 3.38
C ARG A 188 -12.95 11.76 3.61
N ARG A 189 -12.06 12.73 3.64
CA ARG A 189 -10.71 12.50 4.14
C ARG A 189 -10.84 11.90 5.54
N SER A 190 -10.12 10.82 5.79
CA SER A 190 -10.14 10.23 7.13
C SER A 190 -9.67 11.26 8.15
N SER A 191 -10.29 11.27 9.34
CA SER A 191 -10.04 12.35 10.32
C SER A 191 -8.57 12.46 10.75
N PHE A 192 -7.85 11.34 10.69
CA PHE A 192 -6.44 11.25 11.07
C PHE A 192 -5.47 11.49 9.91
N SER A 193 -5.97 11.51 8.68
CA SER A 193 -5.06 11.50 7.52
C SER A 193 -4.24 12.77 7.46
N ASN A 194 -2.93 12.63 7.22
CA ASN A 194 -2.11 13.78 6.88
C ASN A 194 -2.55 14.29 5.52
N TYR A 195 -2.14 15.52 5.19
CA TYR A 195 -2.53 16.15 3.94
C TYR A 195 -1.35 17.01 3.47
N GLY A 196 -1.57 17.84 2.46
CA GLY A 196 -0.49 18.71 1.99
C GLY A 196 -0.13 18.47 0.55
N SER A 197 0.71 19.34 0.01
CA SER A 197 1.01 19.32 -1.41
C SER A 197 1.84 18.11 -1.84
N VAL A 198 2.49 17.43 -0.90
CA VAL A 198 3.30 16.24 -1.21
C VAL A 198 2.44 14.99 -1.44
N LEU A 199 1.19 15.00 -0.99
CA LEU A 199 0.29 13.86 -1.30
C LEU A 199 0.09 13.71 -2.79
N ASP A 200 0.13 12.45 -3.26
CA ASP A 200 -0.11 12.13 -4.66
C ASP A 200 -1.53 11.63 -4.93
N ILE A 201 -2.11 10.95 -3.94
CA ILE A 201 -3.33 10.15 -4.15
C ILE A 201 -3.94 9.77 -2.78
N PHE A 202 -5.25 9.54 -2.76
CA PHE A 202 -5.97 8.99 -1.61
C PHE A 202 -6.45 7.57 -1.90
N GLY A 203 -6.51 6.74 -0.87
CA GLY A 203 -7.11 5.42 -0.96
C GLY A 203 -7.93 5.16 0.30
N PRO A 204 -8.80 4.14 0.27
CA PRO A 204 -9.60 3.77 1.43
C PRO A 204 -8.73 3.44 2.63
N GLY A 205 -9.00 4.05 3.79
CA GLY A 205 -8.15 3.87 4.99
C GLY A 205 -8.90 3.72 6.31
N THR A 206 -10.19 4.01 6.32
CA THR A 206 -10.99 3.92 7.55
C THR A 206 -11.80 2.64 7.56
N ASP A 207 -11.61 1.82 8.60
CA ASP A 207 -12.38 0.58 8.82
C ASP A 207 -12.18 -0.40 7.69
N ILE A 208 -10.92 -0.82 7.52
CA ILE A 208 -10.49 -1.73 6.48
C ILE A 208 -10.35 -3.17 6.98
N LEU A 209 -11.17 -4.07 6.45
CA LEU A 209 -11.14 -5.47 6.85
C LEU A 209 -10.04 -6.19 6.09
N SER A 210 -9.18 -6.90 6.80
CA SER A 210 -8.10 -7.66 6.15
C SER A 210 -7.64 -8.81 7.05
N THR A 211 -6.61 -9.52 6.58
CA THR A 211 -6.02 -10.62 7.31
C THR A 211 -5.31 -10.17 8.58
N TRP A 212 -5.23 -11.06 9.57
CA TRP A 212 -4.54 -10.79 10.82
C TRP A 212 -3.84 -12.08 11.25
N ILE A 213 -2.92 -11.96 12.21
CA ILE A 213 -2.15 -13.11 12.67
C ILE A 213 -3.06 -14.14 13.38
N GLY A 214 -2.56 -15.36 13.52
CA GLY A 214 -3.36 -16.46 14.05
C GLY A 214 -4.45 -16.91 13.09
N GLY A 215 -4.23 -16.70 11.78
CA GLY A 215 -5.20 -17.06 10.73
C GLY A 215 -6.55 -16.38 10.88
N SER A 216 -6.54 -15.14 11.36
N SER A 216 -6.56 -15.14 11.35
CA SER A 216 -7.75 -14.40 11.69
CA SER A 216 -7.80 -14.44 11.64
C SER A 216 -7.92 -13.19 10.76
C SER A 216 -7.99 -13.25 10.68
N THR A 217 -8.94 -12.38 11.03
CA THR A 217 -9.19 -11.16 10.26
C THR A 217 -9.54 -10.07 11.26
N ARG A 218 -9.28 -8.82 10.90
CA ARG A 218 -9.84 -7.71 11.69
C ARG A 218 -9.87 -6.44 10.89
N SER A 219 -10.65 -5.49 11.39
N SER A 219 -10.65 -5.48 11.38
CA SER A 219 -10.82 -4.19 10.76
CA SER A 219 -10.81 -4.18 10.71
C SER A 219 -10.02 -3.16 11.55
C SER A 219 -10.08 -3.11 11.51
N ILE A 220 -9.15 -2.43 10.85
CA ILE A 220 -8.39 -1.34 11.47
C ILE A 220 -8.34 -0.15 10.52
N SER A 221 -7.86 0.98 11.03
CA SER A 221 -7.86 2.23 10.27
C SER A 221 -6.48 2.87 10.26
N GLY A 222 -6.16 3.53 9.16
CA GLY A 222 -4.93 4.33 9.10
C GLY A 222 -4.52 4.58 7.67
N THR A 223 -3.58 5.51 7.48
CA THR A 223 -2.98 5.70 6.16
C THR A 223 -2.16 4.43 5.83
N SER A 224 -1.87 3.64 6.87
CA SER A 224 -1.24 2.31 6.72
C SER A 224 -2.09 1.36 5.90
N MET A 225 -3.42 1.54 5.96
CA MET A 225 -4.38 0.67 5.25
C MET A 225 -4.65 1.22 3.83
N ALA A 226 -4.50 2.54 3.65
CA ALA A 226 -4.68 3.15 2.35
C ALA A 226 -3.54 2.78 1.40
N THR A 227 -2.32 2.76 1.93
CA THR A 227 -1.11 2.55 1.13
C THR A 227 -1.15 1.21 0.32
N PRO A 228 -1.45 0.06 0.97
CA PRO A 228 -1.54 -1.21 0.22
C PRO A 228 -2.65 -1.28 -0.84
N HIS A 229 -3.71 -0.49 -0.70
CA HIS A 229 -4.69 -0.35 -1.81
C HIS A 229 -4.00 0.19 -3.07
N VAL A 230 -3.18 1.23 -2.88
CA VAL A 230 -2.46 1.86 -4.00
C VAL A 230 -1.33 0.98 -4.53
N ALA A 231 -0.59 0.34 -3.62
CA ALA A 231 0.44 -0.64 -4.01
C ALA A 231 -0.17 -1.81 -4.80
N GLY A 232 -1.28 -2.36 -4.31
CA GLY A 232 -2.00 -3.43 -5.01
C GLY A 232 -2.49 -2.96 -6.37
N LEU A 233 -3.04 -1.76 -6.44
CA LEU A 233 -3.54 -1.23 -7.71
C LEU A 233 -2.41 -1.07 -8.71
N ALA A 234 -1.28 -0.53 -8.25
CA ALA A 234 -0.07 -0.45 -9.10
C ALA A 234 0.29 -1.81 -9.72
N ALA A 235 0.44 -2.86 -8.90
CA ALA A 235 0.76 -4.22 -9.37
C ALA A 235 -0.25 -4.69 -10.42
N TYR A 236 -1.52 -4.42 -10.13
CA TYR A 236 -2.61 -4.78 -11.00
C TYR A 236 -2.45 -4.09 -12.38
N LEU A 237 -2.15 -2.79 -12.35
CA LEU A 237 -2.04 -2.03 -13.60
C LEU A 237 -0.78 -2.38 -14.40
N MET A 238 0.29 -2.72 -13.70
CA MET A 238 1.53 -3.12 -14.37
C MET A 238 1.35 -4.46 -15.08
N THR A 239 0.65 -5.38 -14.44
CA THR A 239 0.32 -6.68 -15.03
C THR A 239 -0.52 -6.50 -16.31
N LEU A 240 -1.44 -5.56 -16.29
CA LEU A 240 -2.26 -5.22 -17.47
C LEU A 240 -1.47 -4.49 -18.57
N GLY A 241 -0.27 -4.04 -18.22
CA GLY A 241 0.59 -3.34 -19.16
C GLY A 241 0.22 -1.88 -19.38
N LYS A 242 -0.56 -1.31 -18.47
CA LYS A 242 -1.04 0.06 -18.59
C LYS A 242 0.00 1.11 -18.20
N THR A 243 0.96 0.69 -17.37
CA THR A 243 1.95 1.59 -16.79
C THR A 243 3.21 0.82 -16.36
N THR A 244 4.23 1.55 -15.94
CA THR A 244 5.49 0.95 -15.54
C THR A 244 5.74 1.40 -14.12
N ALA A 245 6.74 0.81 -13.48
CA ALA A 245 7.09 1.20 -12.10
C ALA A 245 7.42 2.68 -11.98
N ALA A 246 8.10 3.24 -13.00
CA ALA A 246 8.51 4.63 -13.00
C ALA A 246 7.35 5.60 -13.09
N SER A 247 6.26 5.20 -13.74
CA SER A 247 5.19 6.15 -14.08
C SER A 247 3.83 5.78 -13.43
N ALA A 248 3.81 4.71 -12.62
CA ALA A 248 2.55 4.22 -12.05
C ALA A 248 1.83 5.22 -11.15
N CYS A 249 2.58 5.98 -10.34
CA CYS A 249 1.94 6.94 -9.40
C CYS A 249 1.22 8.04 -10.23
N ARG A 250 1.93 8.55 -11.23
CA ARG A 250 1.38 9.54 -12.16
C ARG A 250 0.17 8.97 -12.92
N TYR A 251 0.27 7.73 -13.42
CA TYR A 251 -0.86 7.08 -14.11
C TYR A 251 -2.09 6.96 -13.20
N ILE A 252 -1.86 6.53 -11.95
CA ILE A 252 -2.96 6.40 -10.99
C ILE A 252 -3.64 7.76 -10.72
N ALA A 253 -2.82 8.81 -10.57
CA ALA A 253 -3.35 10.17 -10.34
C ALA A 253 -4.12 10.66 -11.56
N ASP A 254 -3.59 10.35 -12.76
CA ASP A 254 -4.18 10.77 -14.05
C ASP A 254 -5.57 10.14 -14.25
N THR A 255 -5.72 8.91 -13.76
CA THR A 255 -6.91 8.12 -14.06
C THR A 255 -7.82 8.00 -12.81
N ALA A 256 -7.47 8.75 -11.77
CA ALA A 256 -8.21 8.75 -10.50
C ALA A 256 -9.61 9.34 -10.63
N ASN A 257 -10.49 8.98 -9.69
CA ASN A 257 -11.71 9.75 -9.47
C ASN A 257 -11.32 11.13 -8.95
N LYS A 258 -11.76 12.19 -9.64
CA LYS A 258 -11.36 13.55 -9.27
C LYS A 258 -12.51 14.34 -8.62
N GLY A 259 -12.21 15.00 -7.50
CA GLY A 259 -13.16 15.90 -6.84
C GLY A 259 -14.27 15.26 -6.02
N ASP A 260 -14.18 13.93 -5.81
CA ASP A 260 -15.19 13.17 -5.04
C ASP A 260 -15.07 13.33 -3.53
N LEU A 261 -13.87 13.68 -3.06
CA LEU A 261 -13.62 13.71 -1.63
C LEU A 261 -14.00 15.03 -0.95
N SER A 262 -14.51 14.94 0.27
N SER A 262 -14.50 14.93 0.28
CA SER A 262 -14.79 16.11 1.09
CA SER A 262 -14.79 16.10 1.11
C SER A 262 -13.74 16.27 2.19
C SER A 262 -13.75 16.26 2.21
N ASN A 263 -13.67 17.47 2.76
CA ASN A 263 -12.73 17.80 3.86
C ASN A 263 -11.25 17.72 3.42
N ILE A 264 -11.02 18.08 2.16
CA ILE A 264 -9.68 18.21 1.62
C ILE A 264 -9.25 19.68 1.68
N PRO A 265 -8.17 19.98 2.44
CA PRO A 265 -7.68 21.37 2.53
C PRO A 265 -7.16 21.89 1.20
N PHE A 266 -7.33 23.19 0.97
CA PHE A 266 -6.81 23.80 -0.24
C PHE A 266 -5.31 23.48 -0.38
N GLY A 267 -4.87 23.11 -1.58
CA GLY A 267 -3.45 22.78 -1.78
C GLY A 267 -3.18 21.28 -1.80
N THR A 268 -4.17 20.50 -1.35
CA THR A 268 -4.06 19.05 -1.34
C THR A 268 -4.87 18.47 -2.49
N VAL A 269 -4.33 17.46 -3.17
CA VAL A 269 -5.02 16.86 -4.30
C VAL A 269 -6.35 16.23 -3.88
N ASN A 270 -7.36 16.39 -4.72
CA ASN A 270 -8.63 15.70 -4.54
C ASN A 270 -8.71 14.56 -5.55
N LEU A 271 -7.99 13.48 -5.27
CA LEU A 271 -7.87 12.35 -6.20
C LEU A 271 -7.94 11.04 -5.45
N LEU A 272 -8.81 10.15 -5.92
CA LEU A 272 -9.07 8.88 -5.24
C LEU A 272 -8.78 7.73 -6.21
N ALA A 273 -7.94 6.81 -5.75
CA ALA A 273 -7.47 5.69 -6.58
C ALA A 273 -8.62 4.92 -7.23
N TYR A 274 -8.50 4.62 -8.51
CA TYR A 274 -9.62 4.04 -9.28
C TYR A 274 -9.07 3.15 -10.39
N ASN A 275 -9.63 1.95 -10.53
CA ASN A 275 -9.06 0.97 -11.47
C ASN A 275 -9.56 1.06 -12.92
N ASN A 276 -10.57 1.90 -13.15
CA ASN A 276 -11.15 2.10 -14.50
C ASN A 276 -11.59 0.80 -15.18
N TYR A 277 -12.06 -0.15 -14.40
CA TYR A 277 -12.38 -1.43 -15.00
C TYR A 277 -13.65 -1.29 -15.81
N GLN A 278 -13.63 -1.82 -17.03
CA GLN A 278 -14.80 -1.87 -17.89
C GLN A 278 -14.92 -3.30 -18.40
N ALA A 279 -16.02 -3.95 -18.05
CA ALA A 279 -16.27 -5.35 -18.43
C ALA A 279 -16.65 -5.51 -19.91
CA CA B . 5.13 12.03 -5.16
CA CA C . -17.48 10.30 -8.56
N NO3 D . 10.80 -8.39 17.60
O1 NO3 D . 12.00 -8.97 18.06
O2 NO3 D . 9.94 -7.72 18.48
O3 NO3 D . 10.43 -8.48 16.26
C14 AU4 E . -4.33 3.23 16.32
N15 AU4 E . -3.46 4.40 16.29
C15 AU4 E . -3.50 5.42 17.33
C12 AU4 E . -2.54 4.47 15.27
C7 AU4 E . -2.35 3.61 14.19
C8 AU4 E . -1.37 3.80 13.18
C11 AU4 E . -1.71 5.55 15.14
C10 AU4 E . -0.70 5.70 14.18
C9 AU4 E . -0.46 4.83 13.15
C13 AU4 E . 0.51 5.03 12.04
N8 AU4 E . 0.84 3.91 11.22
C4 AU4 E . 1.46 6.16 12.09
C5 AU4 E . 2.41 6.38 11.12
C6 AU4 E . 3.26 7.51 11.11
C1 AU4 E . 3.26 8.54 12.04
C2 AU4 E . 2.29 8.29 12.96
C3 AU4 E . 1.44 7.19 12.98
N16 AU4 E . 4.06 9.65 12.09
C17 AU4 E . 3.89 10.63 13.16
C16 AU4 E . 5.06 9.81 11.04
#